data_1MWW
#
_entry.id   1MWW
#
_cell.length_a   115.150
_cell.length_b   115.150
_cell.length_c   124.420
_cell.angle_alpha   90.00
_cell.angle_beta   90.00
_cell.angle_gamma   90.00
#
_symmetry.space_group_name_H-M   'I 41 2 2'
#
loop_
_entity.id
_entity.type
_entity.pdbx_description
1 polymer 'HYPOTHETICAL PROTEIN HI1388.1'
2 non-polymer 'CHLORIDE ION'
3 non-polymer 'GLUTAMIC ACID'
4 water water
#
_entity_poly.entity_id   1
_entity_poly.type   'polypeptide(L)'
_entity_poly.pdbx_seq_one_letter_code
;MITVFGLKSKLAPRREKLAEVIYNSLHLGLDIPKGKHAIRFLCLEKEDFYYPFDRSDDYTVIEINLMAGRMEGTKKRLIK
MLFSELEYKLGIRAHDVEITIKEQPAHCWGFRGMTGDEARDLDYDIYV
;
_entity_poly.pdbx_strand_id   A,B,C
#
# COMPACT_ATOMS: atom_id res chain seq x y z
N MET A 1 -1.39 -6.48 7.33
CA MET A 1 -0.25 -7.06 6.61
C MET A 1 0.88 -6.05 6.50
N ILE A 2 2.08 -6.56 6.66
CA ILE A 2 3.32 -5.81 6.59
C ILE A 2 4.02 -6.14 5.26
N THR A 3 4.53 -5.13 4.58
CA THR A 3 5.21 -5.40 3.32
C THR A 3 6.63 -4.84 3.37
N VAL A 4 7.56 -5.64 2.81
CA VAL A 4 8.96 -5.30 2.71
C VAL A 4 9.30 -5.15 1.27
N PHE A 5 9.81 -3.97 0.90
CA PHE A 5 10.13 -3.69 -0.49
C PHE A 5 11.66 -3.57 -0.61
N GLY A 6 12.24 -4.21 -1.60
CA GLY A 6 13.67 -4.14 -1.76
C GLY A 6 13.99 -4.72 -3.12
N LEU A 7 15.22 -4.41 -3.53
CA LEU A 7 15.79 -4.84 -4.81
C LEU A 7 15.94 -6.33 -4.71
N LYS A 8 15.49 -7.03 -5.75
CA LYS A 8 15.51 -8.50 -5.77
C LYS A 8 16.87 -9.12 -5.39
N SER A 9 17.92 -8.75 -6.10
CA SER A 9 19.26 -9.32 -5.80
C SER A 9 19.64 -9.20 -4.32
N LYS A 10 19.25 -8.13 -3.66
CA LYS A 10 19.57 -8.02 -2.25
C LYS A 10 18.56 -8.60 -1.29
N LEU A 11 17.29 -8.46 -1.63
CA LEU A 11 16.23 -8.89 -0.74
C LEU A 11 15.96 -10.38 -0.80
N ALA A 12 15.94 -10.98 -1.97
CA ALA A 12 15.56 -12.41 -2.03
C ALA A 12 16.33 -13.26 -1.02
N PRO A 13 17.68 -13.17 -1.02
CA PRO A 13 18.50 -13.96 -0.08
C PRO A 13 18.20 -13.70 1.37
N ARG A 14 17.78 -12.48 1.71
CA ARG A 14 17.54 -12.17 3.12
C ARG A 14 16.09 -12.33 3.58
N ARG A 15 15.20 -12.79 2.69
CA ARG A 15 13.77 -12.94 3.06
C ARG A 15 13.48 -13.66 4.35
N GLU A 16 14.08 -14.83 4.55
CA GLU A 16 13.82 -15.58 5.77
C GLU A 16 14.27 -14.85 7.01
N LYS A 17 15.45 -14.27 6.97
CA LYS A 17 15.92 -13.59 8.17
C LYS A 17 15.17 -12.30 8.49
N LEU A 18 14.72 -11.60 7.45
CA LEU A 18 13.96 -10.37 7.73
C LEU A 18 12.63 -10.67 8.38
N ALA A 19 12.05 -11.83 8.03
CA ALA A 19 10.75 -12.13 8.62
C ALA A 19 10.97 -12.39 10.10
N GLU A 20 12.04 -13.13 10.41
CA GLU A 20 12.34 -13.42 11.82
C GLU A 20 12.53 -12.14 12.61
N VAL A 21 13.32 -11.20 12.05
CA VAL A 21 13.60 -9.90 12.72
C VAL A 21 12.34 -9.08 12.92
N ILE A 22 11.48 -9.05 11.90
CA ILE A 22 10.19 -8.32 12.00
C ILE A 22 9.32 -9.03 13.03
N TYR A 23 9.16 -10.35 12.87
CA TYR A 23 8.36 -11.11 13.86
C TYR A 23 9.06 -10.82 15.22
N ASN A 24 10.39 -10.90 15.23
CA ASN A 24 11.05 -10.63 16.50
C ASN A 24 10.76 -9.27 17.14
N SER A 25 10.72 -8.18 16.37
CA SER A 25 10.47 -6.85 16.94
C SER A 25 9.00 -6.60 17.13
N LEU A 26 8.15 -7.33 16.40
CA LEU A 26 6.70 -7.15 16.63
C LEU A 26 6.43 -7.81 17.99
N HIS A 27 7.03 -8.99 18.17
CA HIS A 27 6.86 -9.71 19.43
C HIS A 27 7.51 -8.92 20.54
N LEU A 28 8.81 -8.73 20.39
CA LEU A 28 9.60 -8.04 21.38
C LEU A 28 9.10 -6.66 21.68
N GLY A 29 8.65 -5.92 20.66
CA GLY A 29 8.22 -4.55 20.92
C GLY A 29 6.76 -4.23 21.10
N LEU A 30 5.87 -5.08 20.58
CA LEU A 30 4.44 -4.80 20.65
C LEU A 30 3.66 -5.97 21.30
N ASP A 31 4.32 -7.12 21.45
CA ASP A 31 3.69 -8.29 22.06
C ASP A 31 2.91 -9.11 21.07
N ILE A 32 3.29 -9.06 19.80
CA ILE A 32 2.58 -9.83 18.80
C ILE A 32 3.48 -11.06 18.55
N PRO A 33 2.94 -12.28 18.80
CA PRO A 33 3.56 -13.60 18.66
C PRO A 33 4.19 -13.93 17.33
N LYS A 34 5.36 -14.57 17.37
CA LYS A 34 6.01 -14.94 16.12
C LYS A 34 5.03 -15.63 15.16
N GLY A 35 4.39 -14.87 14.26
CA GLY A 35 3.48 -15.44 13.27
C GLY A 35 2.01 -15.06 13.23
N LYS A 36 1.60 -14.12 14.05
CA LYS A 36 0.22 -13.67 14.09
C LYS A 36 0.00 -12.65 12.94
N HIS A 37 1.12 -12.21 12.37
CA HIS A 37 1.11 -11.23 11.31
C HIS A 37 1.50 -11.69 9.96
N ALA A 38 0.76 -11.23 8.96
CA ALA A 38 1.11 -11.56 7.59
C ALA A 38 2.33 -10.67 7.18
N ILE A 39 3.32 -11.23 6.50
CA ILE A 39 4.44 -10.41 6.04
C ILE A 39 4.62 -10.75 4.59
N ARG A 40 4.70 -9.72 3.76
CA ARG A 40 4.88 -9.92 2.35
C ARG A 40 6.18 -9.26 1.90
N PHE A 41 6.79 -9.86 0.89
CA PHE A 41 8.05 -9.38 0.34
C PHE A 41 7.81 -9.09 -1.12
N LEU A 42 8.23 -7.91 -1.52
CA LEU A 42 8.12 -7.53 -2.93
C LEU A 42 9.56 -7.28 -3.40
N CYS A 43 10.07 -8.18 -4.26
CA CYS A 43 11.43 -8.10 -4.85
C CYS A 43 11.35 -7.31 -6.12
N LEU A 44 12.03 -6.18 -6.13
CA LEU A 44 11.98 -5.32 -7.29
C LEU A 44 13.10 -5.60 -8.30
N GLU A 45 12.78 -5.40 -9.58
CA GLU A 45 13.78 -5.52 -10.67
C GLU A 45 14.41 -4.11 -10.61
N LYS A 46 15.66 -3.96 -11.02
CA LYS A 46 16.31 -2.64 -10.95
C LYS A 46 15.57 -1.52 -11.62
N GLU A 47 14.94 -1.83 -12.75
CA GLU A 47 14.22 -0.79 -13.50
C GLU A 47 12.99 -0.26 -12.83
N ASP A 48 12.50 -0.95 -11.80
CA ASP A 48 11.31 -0.53 -11.10
C ASP A 48 11.55 0.17 -9.78
N PHE A 49 12.82 0.25 -9.34
CA PHE A 49 13.12 0.83 -8.02
C PHE A 49 13.97 2.11 -7.97
N TYR A 50 13.33 3.29 -7.98
CA TYR A 50 14.10 4.49 -7.90
C TYR A 50 14.29 4.88 -6.46
N TYR A 51 15.12 4.13 -5.74
CA TYR A 51 15.39 4.51 -4.36
C TYR A 51 16.10 5.91 -4.35
N PRO A 52 16.16 6.60 -3.19
CA PRO A 52 16.80 7.93 -3.14
C PRO A 52 18.26 7.93 -3.67
N PHE A 53 18.54 8.88 -4.55
CA PHE A 53 19.83 9.02 -5.23
C PHE A 53 21.10 8.61 -4.53
N ASP A 54 21.17 9.02 -3.28
CA ASP A 54 22.34 8.87 -2.45
C ASP A 54 22.24 7.68 -1.52
N ARG A 55 21.47 6.66 -1.91
CA ARG A 55 21.37 5.48 -1.05
C ARG A 55 21.98 4.30 -1.80
N SER A 56 21.95 3.15 -1.19
CA SER A 56 22.53 2.04 -1.93
C SER A 56 21.49 1.02 -2.28
N ASP A 57 21.90 0.05 -3.09
CA ASP A 57 21.11 -1.06 -3.51
C ASP A 57 20.50 -1.78 -2.32
N ASP A 58 20.91 -1.48 -1.08
CA ASP A 58 20.35 -2.13 0.13
C ASP A 58 19.10 -1.42 0.62
N TYR A 59 18.66 -0.43 -0.15
CA TYR A 59 17.53 0.38 0.28
C TYR A 59 16.35 -0.59 0.48
N THR A 60 15.69 -0.48 1.62
CA THR A 60 14.57 -1.38 1.99
C THR A 60 13.49 -0.56 2.64
N VAL A 61 12.28 -0.66 2.10
CA VAL A 61 11.14 0.10 2.64
C VAL A 61 10.26 -0.89 3.40
N ILE A 62 9.78 -0.49 4.57
CA ILE A 62 8.90 -1.35 5.34
C ILE A 62 7.61 -0.60 5.62
N GLU A 63 6.49 -1.21 5.24
CA GLU A 63 5.18 -0.63 5.46
C GLU A 63 4.52 -1.54 6.48
N ILE A 64 4.08 -0.93 7.58
CA ILE A 64 3.45 -1.69 8.66
C ILE A 64 2.03 -1.17 8.90
N ASN A 65 1.04 -2.01 8.75
CA ASN A 65 -0.33 -1.57 9.04
C ASN A 65 -0.85 -2.14 10.42
N LEU A 66 -1.39 -1.26 11.25
CA LEU A 66 -1.92 -1.63 12.57
C LEU A 66 -3.31 -1.06 12.79
N MET A 67 -3.99 -1.61 13.76
CA MET A 67 -5.28 -1.12 14.22
C MET A 67 -4.91 0.05 15.14
N ALA A 68 -5.61 1.17 15.01
CA ALA A 68 -5.27 2.35 15.80
C ALA A 68 -5.52 2.12 17.30
N GLY A 69 -4.82 2.89 18.14
CA GLY A 69 -4.91 2.73 19.58
C GLY A 69 -3.58 2.77 20.35
N ARG A 70 -2.47 2.31 19.78
CA ARG A 70 -1.21 2.36 20.53
C ARG A 70 -0.77 3.80 20.73
N MET A 71 0.06 4.02 21.74
CA MET A 71 0.51 5.40 22.04
C MET A 71 1.63 5.74 21.11
N GLU A 72 1.91 7.03 20.97
CA GLU A 72 2.99 7.45 20.11
C GLU A 72 4.32 6.80 20.47
N GLY A 73 4.63 6.74 21.77
CA GLY A 73 5.86 6.14 22.20
C GLY A 73 6.03 4.69 21.83
N THR A 74 4.94 3.93 21.82
CA THR A 74 5.01 2.51 21.46
C THR A 74 5.43 2.31 19.98
N LYS A 75 4.79 3.08 19.10
CA LYS A 75 5.10 3.03 17.67
C LYS A 75 6.57 3.45 17.40
N LYS A 76 7.04 4.53 18.05
CA LYS A 76 8.47 4.95 17.89
C LYS A 76 9.40 3.84 18.30
N ARG A 77 9.05 3.13 19.38
CA ARG A 77 9.90 2.04 19.87
C ARG A 77 10.08 0.99 18.79
N LEU A 78 8.94 0.61 18.19
CA LEU A 78 8.95 -0.38 17.11
C LEU A 78 9.89 0.08 16.01
N ILE A 79 9.72 1.33 15.54
CA ILE A 79 10.59 1.83 14.45
C ILE A 79 12.07 1.73 14.89
N LYS A 80 12.33 2.23 16.10
CA LYS A 80 13.68 2.21 16.70
C LYS A 80 14.25 0.76 16.73
N MET A 81 13.45 -0.20 17.20
CA MET A 81 13.95 -1.58 17.25
C MET A 81 14.19 -2.12 15.88
N LEU A 82 13.26 -1.86 14.96
CA LEU A 82 13.49 -2.39 13.61
C LEU A 82 14.84 -1.90 13.06
N PHE A 83 15.19 -0.63 13.33
CA PHE A 83 16.48 -0.04 12.87
C PHE A 83 17.68 -0.82 13.46
N SER A 84 17.67 -0.98 14.77
CA SER A 84 18.74 -1.73 15.44
C SER A 84 18.85 -3.14 14.92
N GLU A 85 17.72 -3.84 14.94
CA GLU A 85 17.69 -5.22 14.52
C GLU A 85 18.17 -5.44 13.11
N LEU A 86 17.77 -4.59 12.16
CA LEU A 86 18.22 -4.76 10.77
C LEU A 86 19.73 -4.40 10.60
N GLU A 87 20.20 -3.50 11.47
CA GLU A 87 21.60 -3.08 11.48
C GLU A 87 22.43 -4.33 11.88
N TYR A 88 22.22 -4.77 13.12
CA TYR A 88 22.94 -5.93 13.67
C TYR A 88 22.76 -7.29 13.02
N LYS A 89 21.53 -7.68 12.73
CA LYS A 89 21.35 -8.99 12.13
C LYS A 89 21.51 -9.07 10.61
N LEU A 90 21.15 -8.02 9.87
CA LEU A 90 21.31 -8.12 8.42
C LEU A 90 22.40 -7.28 7.84
N GLY A 91 22.94 -6.38 8.66
CA GLY A 91 23.98 -5.49 8.18
C GLY A 91 23.43 -4.44 7.23
N ILE A 92 22.19 -4.04 7.46
CA ILE A 92 21.57 -3.02 6.62
C ILE A 92 21.67 -1.73 7.37
N ARG A 93 22.48 -0.83 6.81
CA ARG A 93 22.71 0.44 7.45
C ARG A 93 21.39 1.13 7.67
N ALA A 94 21.13 1.59 8.90
CA ALA A 94 19.89 2.31 9.18
C ALA A 94 19.61 3.37 8.10
N HIS A 95 20.67 3.98 7.55
CA HIS A 95 20.45 5.02 6.52
C HIS A 95 19.78 4.42 5.32
N ASP A 96 19.84 3.10 5.19
CA ASP A 96 19.23 2.44 4.07
C ASP A 96 17.82 1.88 4.37
N VAL A 97 17.25 2.30 5.49
CA VAL A 97 15.89 1.82 5.73
C VAL A 97 14.86 2.92 6.00
N GLU A 98 13.70 2.68 5.43
CA GLU A 98 12.58 3.59 5.49
C GLU A 98 11.48 2.73 6.01
N ILE A 99 10.72 3.26 6.95
CA ILE A 99 9.64 2.57 7.58
C ILE A 99 8.46 3.51 7.77
N THR A 100 7.26 2.99 7.58
CA THR A 100 6.10 3.80 7.87
C THR A 100 5.02 2.96 8.54
N ILE A 101 4.46 3.47 9.61
CA ILE A 101 3.39 2.79 10.27
C ILE A 101 2.10 3.50 9.85
N LYS A 102 1.20 2.72 9.29
CA LYS A 102 -0.06 3.22 8.87
C LYS A 102 -1.08 2.68 9.84
N GLU A 103 -1.95 3.53 10.36
CA GLU A 103 -2.92 2.99 11.29
C GLU A 103 -4.34 3.21 10.79
N GLN A 104 -5.24 2.27 11.09
CA GLN A 104 -6.63 2.50 10.70
C GLN A 104 -7.54 2.12 11.88
N PRO A 105 -8.66 2.83 12.03
CA PRO A 105 -9.62 2.55 13.10
C PRO A 105 -9.95 1.04 13.14
N ALA A 106 -10.13 0.51 14.33
CA ALA A 106 -10.50 -0.88 14.54
C ALA A 106 -11.68 -1.35 13.66
N HIS A 107 -12.71 -0.51 13.47
CA HIS A 107 -13.86 -0.88 12.65
C HIS A 107 -13.57 -0.98 11.16
N CYS A 108 -12.36 -0.58 10.77
CA CYS A 108 -11.93 -0.58 9.37
C CYS A 108 -11.17 -1.83 9.09
N TRP A 109 -10.95 -2.63 10.14
CA TRP A 109 -10.25 -3.91 9.96
C TRP A 109 -11.23 -5.08 9.97
N GLY A 110 -10.83 -6.15 9.30
CA GLY A 110 -11.56 -7.38 9.24
C GLY A 110 -10.67 -8.61 9.38
N PHE A 111 -10.97 -9.51 10.32
CA PHE A 111 -10.17 -10.73 10.42
C PHE A 111 -11.02 -11.79 11.16
N ARG A 112 -10.83 -13.05 10.81
CA ARG A 112 -11.59 -14.16 11.38
C ARG A 112 -13.06 -13.81 11.45
N GLY A 113 -13.61 -13.28 10.35
CA GLY A 113 -15.02 -12.92 10.31
C GLY A 113 -15.56 -11.74 11.12
N MET A 114 -14.75 -11.05 11.91
CA MET A 114 -15.30 -9.92 12.64
C MET A 114 -14.67 -8.63 12.16
N THR A 115 -15.23 -7.53 12.65
CA THR A 115 -14.65 -6.26 12.39
C THR A 115 -13.76 -6.07 13.61
N GLY A 116 -12.66 -5.33 13.42
CA GLY A 116 -11.71 -5.11 14.51
C GLY A 116 -12.27 -4.57 15.82
N ASP A 117 -13.29 -3.72 15.76
CA ASP A 117 -13.89 -3.19 16.98
C ASP A 117 -14.66 -4.26 17.78
N GLU A 118 -15.11 -5.28 17.08
CA GLU A 118 -15.85 -6.36 17.70
C GLU A 118 -14.95 -7.36 18.30
N ALA A 119 -13.71 -7.44 17.83
CA ALA A 119 -12.87 -8.49 18.35
C ALA A 119 -12.60 -8.48 19.88
N ARG A 120 -12.99 -9.60 20.47
CA ARG A 120 -12.93 -9.97 21.89
C ARG A 120 -13.46 -8.87 22.82
N MET B 1 -8.01 2.75 -5.56
CA MET B 1 -7.73 1.38 -6.00
C MET B 1 -7.78 0.35 -4.86
N ILE B 2 -8.49 -0.74 -5.12
CA ILE B 2 -8.58 -1.90 -4.18
C ILE B 2 -7.58 -2.95 -4.64
N THR B 3 -6.84 -3.53 -3.72
CA THR B 3 -5.88 -4.56 -4.10
C THR B 3 -6.17 -5.84 -3.36
N VAL B 4 -5.98 -6.95 -4.06
CA VAL B 4 -6.21 -8.27 -3.44
C VAL B 4 -4.88 -9.00 -3.56
N PHE B 5 -4.37 -9.47 -2.41
CA PHE B 5 -3.08 -10.21 -2.38
C PHE B 5 -3.36 -11.67 -1.98
N GLY B 6 -2.69 -12.61 -2.61
CA GLY B 6 -2.84 -14.01 -2.27
C GLY B 6 -1.77 -14.82 -2.99
N LEU B 7 -1.63 -16.08 -2.58
CA LEU B 7 -0.71 -17.05 -3.18
C LEU B 7 -1.20 -17.19 -4.60
N LYS B 8 -0.30 -17.01 -5.57
CA LYS B 8 -0.62 -17.10 -6.99
C LYS B 8 -1.27 -18.43 -7.38
N SER B 9 -0.88 -19.52 -6.71
CA SER B 9 -1.46 -20.80 -7.04
C SER B 9 -2.95 -20.87 -6.68
N LYS B 10 -3.35 -20.13 -5.67
CA LYS B 10 -4.75 -20.13 -5.27
C LYS B 10 -5.49 -18.91 -5.82
N LEU B 11 -4.79 -17.78 -5.90
CA LEU B 11 -5.46 -16.57 -6.36
C LEU B 11 -5.71 -16.47 -7.84
N ALA B 12 -4.74 -16.83 -8.66
CA ALA B 12 -4.92 -16.64 -10.10
C ALA B 12 -6.23 -17.18 -10.74
N PRO B 13 -6.69 -18.37 -10.35
CA PRO B 13 -7.94 -18.88 -10.97
C PRO B 13 -9.20 -18.23 -10.42
N ARG B 14 -9.02 -17.46 -9.35
CA ARG B 14 -10.13 -16.81 -8.67
C ARG B 14 -10.36 -15.36 -9.07
N ARG B 15 -9.39 -14.75 -9.73
CA ARG B 15 -9.52 -13.31 -10.06
C ARG B 15 -10.86 -12.75 -10.56
N GLU B 16 -11.41 -13.35 -11.62
CA GLU B 16 -12.69 -12.87 -12.13
C GLU B 16 -13.82 -12.99 -11.08
N LYS B 17 -13.96 -14.15 -10.42
CA LYS B 17 -15.05 -14.26 -9.46
C LYS B 17 -14.77 -13.33 -8.33
N LEU B 18 -13.47 -13.11 -8.05
CA LEU B 18 -13.15 -12.23 -6.94
C LEU B 18 -13.51 -10.80 -7.26
N ALA B 19 -13.25 -10.35 -8.48
CA ALA B 19 -13.62 -8.96 -8.86
C ALA B 19 -15.14 -8.81 -8.80
N GLU B 20 -15.85 -9.79 -9.31
CA GLU B 20 -17.29 -9.69 -9.27
C GLU B 20 -17.78 -9.52 -7.85
N VAL B 21 -17.23 -10.34 -6.94
CA VAL B 21 -17.71 -10.26 -5.55
C VAL B 21 -17.44 -8.90 -4.91
N ILE B 22 -16.25 -8.35 -5.18
CA ILE B 22 -15.89 -7.00 -4.62
C ILE B 22 -16.85 -5.94 -5.24
N TYR B 23 -17.01 -5.96 -6.56
CA TYR B 23 -17.95 -5.03 -7.18
C TYR B 23 -19.36 -5.21 -6.54
N ASN B 24 -19.79 -6.44 -6.33
CA ASN B 24 -21.11 -6.69 -5.73
C ASN B 24 -21.30 -6.11 -4.31
N SER B 25 -20.29 -6.30 -3.44
CA SER B 25 -20.35 -5.80 -2.11
C SER B 25 -20.19 -4.30 -2.11
N LEU B 26 -19.42 -3.75 -3.05
CA LEU B 26 -19.28 -2.29 -3.06
C LEU B 26 -20.62 -1.69 -3.50
N HIS B 27 -21.29 -2.36 -4.43
CA HIS B 27 -22.58 -1.84 -4.88
C HIS B 27 -23.69 -1.98 -3.79
N LEU B 28 -23.86 -3.17 -3.24
CA LEU B 28 -24.86 -3.37 -2.22
C LEU B 28 -24.59 -2.66 -0.93
N GLY B 29 -23.32 -2.67 -0.50
CA GLY B 29 -22.92 -2.02 0.73
C GLY B 29 -22.70 -0.51 0.66
N LEU B 30 -22.17 0.00 -0.45
CA LEU B 30 -21.88 1.43 -0.54
C LEU B 30 -22.59 2.19 -1.66
N ASP B 31 -23.28 1.46 -2.53
CA ASP B 31 -23.99 2.12 -3.59
C ASP B 31 -23.09 2.49 -4.70
N ILE B 32 -21.91 1.88 -4.78
CA ILE B 32 -20.99 2.24 -5.86
C ILE B 32 -21.22 1.32 -7.04
N PRO B 33 -21.57 1.89 -8.20
CA PRO B 33 -21.82 1.03 -9.37
C PRO B 33 -20.59 0.18 -9.71
N LYS B 34 -20.86 -1.01 -10.24
CA LYS B 34 -19.82 -1.94 -10.62
C LYS B 34 -18.91 -1.28 -11.63
N GLY B 35 -17.59 -1.47 -11.48
CA GLY B 35 -16.68 -0.91 -12.46
C GLY B 35 -16.30 0.55 -12.24
N LYS B 36 -16.72 1.16 -11.14
CA LYS B 36 -16.32 2.53 -10.94
C LYS B 36 -14.91 2.52 -10.35
N HIS B 37 -14.61 1.56 -9.49
CA HIS B 37 -13.29 1.39 -8.85
C HIS B 37 -12.36 0.41 -9.54
N ALA B 38 -11.08 0.77 -9.56
CA ALA B 38 -10.04 -0.09 -10.09
C ALA B 38 -9.75 -1.24 -9.07
N ILE B 39 -9.60 -2.47 -9.54
CA ILE B 39 -9.26 -3.57 -8.64
C ILE B 39 -7.96 -4.14 -9.20
N ARG B 40 -6.99 -4.37 -8.33
CA ARG B 40 -5.71 -4.94 -8.74
C ARG B 40 -5.50 -6.29 -8.02
N PHE B 41 -4.85 -7.25 -8.69
CA PHE B 41 -4.54 -8.51 -8.00
C PHE B 41 -3.04 -8.62 -7.95
N LEU B 42 -2.51 -9.09 -6.83
CA LEU B 42 -1.05 -9.30 -6.75
C LEU B 42 -0.91 -10.79 -6.36
N CYS B 43 -0.54 -11.58 -7.37
CA CYS B 43 -0.31 -13.04 -7.24
C CYS B 43 1.08 -13.37 -6.70
N LEU B 44 1.12 -13.88 -5.47
CA LEU B 44 2.37 -14.15 -4.80
C LEU B 44 2.99 -15.51 -4.93
N GLU B 45 4.32 -15.50 -4.95
CA GLU B 45 5.11 -16.70 -4.99
C GLU B 45 5.19 -17.08 -3.52
N LYS B 46 5.32 -18.38 -3.28
CA LYS B 46 5.39 -18.96 -1.96
C LYS B 46 6.45 -18.32 -1.08
N GLU B 47 7.58 -18.01 -1.71
CA GLU B 47 8.75 -17.43 -1.06
C GLU B 47 8.52 -16.03 -0.52
N ASP B 48 7.61 -15.29 -1.14
CA ASP B 48 7.31 -13.92 -0.74
C ASP B 48 6.17 -13.73 0.20
N PHE B 49 5.42 -14.79 0.46
CA PHE B 49 4.24 -14.66 1.31
C PHE B 49 4.30 -15.35 2.64
N TYR B 50 4.79 -14.67 3.68
CA TYR B 50 4.77 -15.28 5.02
C TYR B 50 3.39 -15.09 5.70
N TYR B 51 2.33 -15.78 5.28
CA TYR B 51 1.02 -15.53 5.98
C TYR B 51 1.13 -16.14 7.37
N PRO B 52 0.32 -15.71 8.34
CA PRO B 52 0.39 -16.27 9.70
C PRO B 52 0.55 -17.81 9.65
N PHE B 53 1.28 -18.39 10.60
CA PHE B 53 1.56 -19.83 10.58
C PHE B 53 0.44 -20.83 10.85
N ASP B 54 -0.62 -20.38 11.50
CA ASP B 54 -1.78 -21.19 11.80
C ASP B 54 -2.86 -20.99 10.74
N ARG B 55 -2.55 -20.19 9.73
CA ARG B 55 -3.49 -19.91 8.65
C ARG B 55 -3.20 -20.88 7.50
N SER B 56 -3.95 -20.81 6.41
CA SER B 56 -3.68 -21.74 5.31
C SER B 56 -3.25 -20.96 4.07
N ASP B 57 -2.84 -21.67 3.05
CA ASP B 57 -2.40 -21.02 1.85
C ASP B 57 -3.49 -20.39 1.02
N ASP B 58 -4.71 -20.32 1.56
CA ASP B 58 -5.84 -19.64 0.91
C ASP B 58 -5.84 -18.18 1.39
N TYR B 59 -5.00 -17.87 2.39
CA TYR B 59 -4.92 -16.54 3.01
C TYR B 59 -4.99 -15.44 1.96
N THR B 60 -5.94 -14.54 2.13
CA THR B 60 -6.19 -13.49 1.16
C THR B 60 -6.29 -12.16 1.86
N VAL B 61 -5.57 -11.16 1.35
CA VAL B 61 -5.61 -9.84 1.95
C VAL B 61 -6.22 -8.88 0.98
N ILE B 62 -7.12 -8.04 1.49
CA ILE B 62 -7.84 -7.09 0.66
C ILE B 62 -7.67 -5.71 1.30
N GLU B 63 -7.12 -4.81 0.51
CA GLU B 63 -6.92 -3.41 0.88
C GLU B 63 -7.85 -2.58 -0.02
N ILE B 64 -8.67 -1.79 0.64
CA ILE B 64 -9.64 -0.94 0.02
C ILE B 64 -9.34 0.50 0.41
N ASN B 65 -9.28 1.35 -0.59
CA ASN B 65 -8.96 2.76 -0.36
C ASN B 65 -10.24 3.51 -0.72
N LEU B 66 -10.71 4.31 0.23
CA LEU B 66 -11.93 5.08 0.09
C LEU B 66 -11.74 6.52 0.46
N MET B 67 -12.55 7.42 -0.12
CA MET B 67 -12.48 8.83 0.25
C MET B 67 -13.21 8.91 1.59
N ALA B 68 -12.65 9.59 2.55
CA ALA B 68 -13.28 9.69 3.85
C ALA B 68 -14.73 10.28 3.76
N GLY B 69 -15.61 9.83 4.62
CA GLY B 69 -16.94 10.44 4.58
C GLY B 69 -18.07 9.54 5.02
N ARG B 70 -17.95 8.27 4.67
CA ARG B 70 -18.95 7.28 4.97
C ARG B 70 -19.04 7.03 6.44
N MET B 71 -20.19 6.51 6.82
CA MET B 71 -20.53 6.19 8.17
C MET B 71 -19.82 4.90 8.61
N GLU B 72 -19.50 4.86 9.88
CA GLU B 72 -18.83 3.74 10.44
C GLU B 72 -19.56 2.40 10.21
N GLY B 73 -20.90 2.40 10.32
CA GLY B 73 -21.62 1.18 10.14
C GLY B 73 -21.61 0.68 8.69
N THR B 74 -21.42 1.60 7.76
CA THR B 74 -21.38 1.28 6.36
C THR B 74 -20.08 0.55 6.04
N LYS B 75 -19.00 1.04 6.64
CA LYS B 75 -17.68 0.45 6.44
C LYS B 75 -17.73 -0.98 6.99
N LYS B 76 -18.24 -1.13 8.21
CA LYS B 76 -18.36 -2.43 8.84
C LYS B 76 -19.21 -3.39 8.00
N ARG B 77 -20.29 -2.89 7.40
CA ARG B 77 -21.19 -3.71 6.55
C ARG B 77 -20.43 -4.31 5.40
N LEU B 78 -19.72 -3.42 4.69
CA LEU B 78 -18.92 -3.79 3.57
C LEU B 78 -17.98 -4.94 3.96
N ILE B 79 -17.28 -4.81 5.10
CA ILE B 79 -16.35 -5.86 5.57
C ILE B 79 -17.11 -7.21 5.83
N LYS B 80 -18.26 -7.11 6.48
CA LYS B 80 -19.06 -8.31 6.78
C LYS B 80 -19.62 -8.91 5.53
N MET B 81 -20.07 -8.10 4.57
CA MET B 81 -20.54 -8.62 3.29
C MET B 81 -19.39 -9.29 2.56
N LEU B 82 -18.18 -8.72 2.61
CA LEU B 82 -17.08 -9.39 1.90
C LEU B 82 -16.78 -10.77 2.53
N PHE B 83 -16.82 -10.90 3.86
CA PHE B 83 -16.55 -12.22 4.47
C PHE B 83 -17.60 -13.24 3.92
N SER B 84 -18.86 -12.88 3.99
CA SER B 84 -19.93 -13.72 3.43
C SER B 84 -19.60 -14.25 2.04
N GLU B 85 -19.50 -13.31 1.11
CA GLU B 85 -19.23 -13.57 -0.30
C GLU B 85 -18.10 -14.48 -0.63
N LEU B 86 -16.96 -14.21 -0.01
CA LEU B 86 -15.76 -14.99 -0.27
C LEU B 86 -15.92 -16.44 0.24
N GLU B 87 -16.49 -16.58 1.43
CA GLU B 87 -16.68 -17.94 1.98
C GLU B 87 -17.76 -18.74 1.23
N TYR B 88 -18.96 -18.17 1.16
CA TYR B 88 -20.08 -18.85 0.54
C TYR B 88 -20.08 -18.87 -0.96
N LYS B 89 -19.32 -17.97 -1.59
CA LYS B 89 -19.27 -17.96 -3.05
C LYS B 89 -17.91 -18.37 -3.62
N LEU B 90 -16.84 -18.28 -2.82
CA LEU B 90 -15.54 -18.70 -3.33
C LEU B 90 -14.97 -19.84 -2.52
N GLY B 91 -15.57 -20.08 -1.35
CA GLY B 91 -15.10 -21.16 -0.49
C GLY B 91 -13.84 -20.87 0.32
N ILE B 92 -13.55 -19.59 0.46
CA ILE B 92 -12.40 -19.11 1.22
C ILE B 92 -12.91 -18.74 2.60
N ARG B 93 -12.46 -19.46 3.62
CA ARG B 93 -12.96 -19.24 4.94
C ARG B 93 -12.58 -17.90 5.52
N ALA B 94 -13.54 -17.31 6.20
CA ALA B 94 -13.35 -16.03 6.84
C ALA B 94 -12.06 -15.99 7.69
N HIS B 95 -11.60 -17.14 8.20
CA HIS B 95 -10.37 -17.15 8.99
C HIS B 95 -9.14 -16.84 8.11
N ASP B 96 -9.25 -17.16 6.82
CA ASP B 96 -8.21 -16.97 5.84
C ASP B 96 -8.35 -15.64 5.10
N VAL B 97 -9.14 -14.72 5.64
CA VAL B 97 -9.35 -13.42 5.02
C VAL B 97 -9.06 -12.27 6.01
N GLU B 98 -8.24 -11.32 5.56
CA GLU B 98 -7.89 -10.13 6.28
C GLU B 98 -8.30 -8.97 5.38
N ILE B 99 -8.96 -7.97 5.93
CA ILE B 99 -9.42 -6.85 5.12
C ILE B 99 -9.08 -5.55 5.82
N THR B 100 -8.71 -4.53 5.05
CA THR B 100 -8.52 -3.25 5.71
C THR B 100 -9.01 -2.11 4.89
N ILE B 101 -9.84 -1.24 5.48
CA ILE B 101 -10.33 -0.12 4.74
C ILE B 101 -9.43 1.05 5.11
N LYS B 102 -8.79 1.66 4.11
CA LYS B 102 -7.99 2.83 4.35
C LYS B 102 -8.70 4.06 3.76
N GLU B 103 -8.93 5.07 4.59
CA GLU B 103 -9.61 6.28 4.10
C GLU B 103 -8.73 7.52 4.06
N GLN B 104 -8.87 8.34 3.03
CA GLN B 104 -8.06 9.54 2.97
C GLN B 104 -9.04 10.68 2.71
N PRO B 105 -8.69 11.91 3.18
CA PRO B 105 -9.56 13.07 2.98
C PRO B 105 -9.76 13.24 1.48
N ALA B 106 -10.95 13.72 1.11
CA ALA B 106 -11.29 14.00 -0.28
C ALA B 106 -10.21 14.85 -0.96
N HIS B 107 -9.69 15.84 -0.24
CA HIS B 107 -8.64 16.71 -0.83
C HIS B 107 -7.34 15.94 -1.17
N CYS B 108 -7.20 14.71 -0.65
CA CYS B 108 -6.01 13.84 -0.91
C CYS B 108 -6.16 12.90 -2.12
N TRP B 109 -7.33 12.99 -2.75
CA TRP B 109 -7.62 12.18 -3.90
C TRP B 109 -7.64 13.03 -5.16
N GLY B 110 -7.20 12.42 -6.26
CA GLY B 110 -7.23 13.07 -7.53
C GLY B 110 -7.71 12.08 -8.60
N PHE B 111 -8.70 12.48 -9.40
CA PHE B 111 -9.16 11.63 -10.52
C PHE B 111 -9.86 12.49 -11.58
N ARG B 112 -9.74 12.07 -12.82
CA ARG B 112 -10.32 12.82 -13.94
C ARG B 112 -9.95 14.30 -13.78
N GLY B 113 -8.65 14.57 -13.61
CA GLY B 113 -8.17 15.93 -13.46
C GLY B 113 -8.64 16.82 -12.30
N MET B 114 -9.46 16.31 -11.40
CA MET B 114 -9.95 17.08 -10.25
C MET B 114 -9.40 16.54 -8.92
N THR B 115 -9.56 17.30 -7.82
CA THR B 115 -9.21 16.76 -6.52
C THR B 115 -10.60 16.32 -5.96
N GLY B 116 -10.57 15.32 -5.11
CA GLY B 116 -11.80 14.76 -4.59
C GLY B 116 -12.74 15.71 -3.92
N ASP B 117 -12.23 16.77 -3.29
CA ASP B 117 -13.09 17.76 -2.64
C ASP B 117 -13.70 18.69 -3.69
N GLU B 118 -13.34 18.53 -4.96
CA GLU B 118 -13.87 19.36 -6.02
C GLU B 118 -14.61 18.41 -6.93
N MET C 1 7.66 6.25 0.61
CA MET C 1 7.77 5.84 -0.80
C MET C 1 6.50 6.06 -1.66
N ILE C 2 6.71 6.43 -2.91
CA ILE C 2 5.64 6.69 -3.88
C ILE C 2 5.63 5.51 -4.81
N THR C 3 4.46 5.04 -5.16
CA THR C 3 4.33 3.94 -6.07
C THR C 3 3.45 4.34 -7.28
N VAL C 4 3.87 3.89 -8.44
CA VAL C 4 3.07 4.14 -9.64
C VAL C 4 2.64 2.78 -10.18
N PHE C 5 1.31 2.56 -10.32
CA PHE C 5 0.80 1.26 -10.81
C PHE C 5 0.25 1.47 -12.25
N GLY C 6 0.45 0.50 -13.15
CA GLY C 6 -0.11 0.60 -14.52
C GLY C 6 0.14 -0.66 -15.33
N LEU C 7 -0.65 -0.90 -16.39
CA LEU C 7 -0.45 -2.07 -17.26
C LEU C 7 0.94 -1.93 -17.76
N LYS C 8 1.67 -3.02 -17.68
CA LYS C 8 3.06 -3.05 -18.09
C LYS C 8 3.26 -2.63 -19.53
N SER C 9 2.35 -3.02 -20.40
CA SER C 9 2.47 -2.71 -21.83
C SER C 9 2.66 -1.21 -22.09
N LYS C 10 1.91 -0.38 -21.37
CA LYS C 10 1.94 1.11 -21.43
C LYS C 10 2.88 1.81 -20.45
N LEU C 11 3.06 1.22 -19.26
CA LEU C 11 3.89 1.82 -18.22
C LEU C 11 5.33 1.51 -18.37
N ALA C 12 5.60 0.33 -18.87
CA ALA C 12 6.98 -0.09 -18.93
C ALA C 12 7.94 0.93 -19.59
N PRO C 13 7.58 1.42 -20.78
CA PRO C 13 8.49 2.38 -21.45
C PRO C 13 8.39 3.83 -20.97
N ARG C 14 7.53 4.05 -19.98
CA ARG C 14 7.28 5.38 -19.45
C ARG C 14 7.95 5.64 -18.11
N ARG C 15 8.69 4.65 -17.61
CA ARG C 15 9.29 4.77 -16.27
C ARG C 15 10.21 5.92 -15.98
N GLU C 16 11.22 6.10 -16.82
CA GLU C 16 12.18 7.18 -16.56
C GLU C 16 11.55 8.54 -16.53
N LYS C 17 10.64 8.80 -17.44
CA LYS C 17 9.98 10.08 -17.54
C LYS C 17 9.02 10.31 -16.39
N LEU C 18 8.25 9.28 -16.01
CA LEU C 18 7.32 9.44 -14.87
C LEU C 18 8.18 9.73 -13.64
N ALA C 19 9.32 9.08 -13.48
CA ALA C 19 10.13 9.43 -12.30
C ALA C 19 10.52 10.92 -12.33
N GLU C 20 11.02 11.37 -13.49
CA GLU C 20 11.42 12.79 -13.65
C GLU C 20 10.25 13.73 -13.35
N VAL C 21 9.09 13.39 -13.88
CA VAL C 21 7.87 14.18 -13.69
C VAL C 21 7.45 14.28 -12.20
N ILE C 22 7.51 13.16 -11.51
CA ILE C 22 7.11 13.20 -10.10
C ILE C 22 8.18 13.94 -9.26
N TYR C 23 9.45 13.64 -9.52
CA TYR C 23 10.52 14.31 -8.83
C TYR C 23 10.35 15.82 -9.14
N ASN C 24 9.85 16.16 -10.33
CA ASN C 24 9.71 17.59 -10.63
C ASN C 24 8.60 18.25 -9.88
N SER C 25 7.44 17.59 -9.86
CA SER C 25 6.31 18.14 -9.13
C SER C 25 6.52 18.12 -7.63
N LEU C 26 7.33 17.19 -7.13
CA LEU C 26 7.54 17.17 -5.65
C LEU C 26 8.40 18.38 -5.26
N HIS C 27 9.35 18.69 -6.15
CA HIS C 27 10.28 19.80 -5.92
C HIS C 27 9.54 21.11 -6.01
N LEU C 28 9.00 21.29 -7.22
CA LEU C 28 8.26 22.48 -7.59
C LEU C 28 7.02 22.67 -6.75
N GLY C 29 6.42 21.58 -6.28
CA GLY C 29 5.21 21.73 -5.50
C GLY C 29 5.29 21.66 -3.99
N LEU C 30 6.31 20.96 -3.48
CA LEU C 30 6.47 20.75 -2.04
C LEU C 30 7.87 21.06 -1.60
N ASP C 31 8.71 21.50 -2.54
CA ASP C 31 10.08 21.87 -2.22
C ASP C 31 10.96 20.71 -1.85
N ILE C 32 10.47 19.51 -2.06
CA ILE C 32 11.29 18.37 -1.79
C ILE C 32 12.31 18.29 -2.95
N PRO C 33 13.62 18.26 -2.64
CA PRO C 33 14.64 18.17 -3.69
C PRO C 33 14.49 16.83 -4.43
N LYS C 34 14.81 16.82 -5.71
CA LYS C 34 14.74 15.63 -6.52
C LYS C 34 15.62 14.50 -5.93
N GLY C 35 15.13 13.27 -6.01
CA GLY C 35 15.89 12.15 -5.53
C GLY C 35 15.85 11.97 -4.04
N LYS C 36 15.09 12.82 -3.36
CA LYS C 36 14.94 12.73 -1.91
C LYS C 36 14.06 11.57 -1.53
N HIS C 37 13.16 11.20 -2.45
CA HIS C 37 12.14 10.17 -2.24
C HIS C 37 12.32 8.93 -3.05
N ALA C 38 11.79 7.82 -2.53
CA ALA C 38 11.87 6.63 -3.30
C ALA C 38 10.63 6.55 -4.22
N ILE C 39 10.84 6.09 -5.45
CA ILE C 39 9.73 5.93 -6.37
C ILE C 39 9.79 4.50 -6.87
N ARG C 40 8.67 3.81 -6.80
CA ARG C 40 8.58 2.45 -7.25
C ARG C 40 7.54 2.34 -8.34
N PHE C 41 7.81 1.46 -9.30
CA PHE C 41 6.90 1.15 -10.40
C PHE C 41 6.39 -0.29 -10.32
N LEU C 42 5.09 -0.48 -10.45
CA LEU C 42 4.53 -1.83 -10.44
C LEU C 42 3.89 -2.00 -11.82
N CYS C 43 4.47 -2.86 -12.66
CA CYS C 43 3.96 -3.10 -14.01
C CYS C 43 3.06 -4.32 -14.00
N LEU C 44 1.77 -4.12 -14.30
CA LEU C 44 0.78 -5.16 -14.21
C LEU C 44 0.57 -5.94 -15.52
N GLU C 45 0.27 -7.23 -15.39
CA GLU C 45 -0.08 -8.04 -16.54
C GLU C 45 -1.58 -7.77 -16.65
N LYS C 46 -2.10 -7.97 -17.83
CA LYS C 46 -3.49 -7.68 -18.15
C LYS C 46 -4.52 -8.28 -17.21
N GLU C 47 -4.41 -9.58 -16.96
CA GLU C 47 -5.35 -10.25 -16.13
C GLU C 47 -5.37 -9.78 -14.65
N ASP C 48 -4.37 -8.99 -14.21
CA ASP C 48 -4.32 -8.47 -12.84
C ASP C 48 -4.84 -7.05 -12.68
N PHE C 49 -5.16 -6.39 -13.80
CA PHE C 49 -5.57 -4.99 -13.73
C PHE C 49 -6.99 -4.68 -14.17
N TYR C 50 -7.95 -4.69 -13.26
CA TYR C 50 -9.32 -4.38 -13.63
C TYR C 50 -9.55 -2.90 -13.45
N TYR C 51 -9.03 -2.08 -14.36
CA TYR C 51 -9.24 -0.63 -14.22
C TYR C 51 -10.73 -0.34 -14.44
N PRO C 52 -11.20 0.89 -14.12
CA PRO C 52 -12.62 1.23 -14.27
C PRO C 52 -13.04 1.09 -15.74
N PHE C 53 -14.26 0.54 -15.93
CA PHE C 53 -14.83 0.26 -17.27
C PHE C 53 -14.70 1.37 -18.32
N ASP C 54 -15.05 2.58 -17.94
CA ASP C 54 -14.98 3.67 -18.87
C ASP C 54 -13.60 4.28 -19.03
N ARG C 55 -12.52 3.58 -18.66
CA ARG C 55 -11.19 4.17 -18.83
C ARG C 55 -10.39 3.43 -19.85
N SER C 56 -9.22 3.92 -20.16
CA SER C 56 -8.40 3.21 -21.13
C SER C 56 -7.22 2.51 -20.48
N ASP C 57 -6.48 1.82 -21.32
CA ASP C 57 -5.26 1.08 -20.98
C ASP C 57 -4.17 1.93 -20.38
N ASP C 58 -4.28 3.24 -20.47
CA ASP C 58 -3.24 4.13 -19.94
C ASP C 58 -3.47 4.38 -18.44
N TYR C 59 -4.51 3.76 -17.89
CA TYR C 59 -4.89 3.98 -16.51
C TYR C 59 -3.67 3.79 -15.60
N THR C 60 -3.38 4.85 -14.89
CA THR C 60 -2.21 4.95 -14.04
C THR C 60 -2.62 5.39 -12.64
N VAL C 61 -2.25 4.61 -11.62
CA VAL C 61 -2.55 4.92 -10.22
C VAL C 61 -1.26 5.36 -9.49
N ILE C 62 -1.32 6.49 -8.81
CA ILE C 62 -0.15 6.99 -8.10
C ILE C 62 -0.46 7.14 -6.62
N GLU C 63 0.34 6.44 -5.80
CA GLU C 63 0.19 6.48 -4.34
C GLU C 63 1.38 7.25 -3.76
N ILE C 64 1.07 8.32 -3.04
CA ILE C 64 2.06 9.17 -2.48
C ILE C 64 1.98 9.16 -0.95
N ASN C 65 3.05 8.75 -0.28
CA ASN C 65 3.02 8.76 1.18
C ASN C 65 3.82 9.95 1.70
N LEU C 66 3.19 10.75 2.56
CA LEU C 66 3.86 11.89 3.19
C LEU C 66 3.72 11.91 4.70
N MET C 67 4.69 12.55 5.35
CA MET C 67 4.56 12.81 6.76
C MET C 67 3.49 13.88 6.84
N ALA C 68 2.54 13.73 7.77
CA ALA C 68 1.46 14.71 7.90
C ALA C 68 1.99 16.10 8.26
N GLY C 69 1.37 17.17 7.78
CA GLY C 69 1.91 18.48 8.15
C GLY C 69 1.62 19.58 7.18
N ARG C 70 1.34 19.22 5.92
CA ARG C 70 1.07 20.24 4.97
C ARG C 70 -0.40 20.65 4.95
N MET C 71 -0.60 21.83 4.41
CA MET C 71 -1.91 22.47 4.20
C MET C 71 -2.60 21.73 3.08
N GLU C 72 -3.92 21.74 3.08
CA GLU C 72 -4.66 21.10 2.00
C GLU C 72 -4.31 21.68 0.65
N GLY C 73 -4.14 23.02 0.55
CA GLY C 73 -3.86 23.65 -0.73
C GLY C 73 -2.59 23.13 -1.33
N THR C 74 -1.60 22.90 -0.49
CA THR C 74 -0.32 22.39 -0.94
C THR C 74 -0.54 20.95 -1.48
N LYS C 75 -1.33 20.15 -0.77
CA LYS C 75 -1.61 18.81 -1.26
C LYS C 75 -2.40 18.90 -2.58
N LYS C 76 -3.42 19.75 -2.60
CA LYS C 76 -4.21 19.92 -3.85
C LYS C 76 -3.30 20.38 -4.95
N ARG C 77 -2.42 21.31 -4.66
CA ARG C 77 -1.50 21.77 -5.69
C ARG C 77 -0.68 20.65 -6.32
N LEU C 78 -0.12 19.77 -5.48
CA LEU C 78 0.69 18.68 -6.07
C LEU C 78 -0.20 17.77 -6.96
N ILE C 79 -1.45 17.53 -6.55
CA ILE C 79 -2.33 16.69 -7.37
C ILE C 79 -2.58 17.35 -8.76
N LYS C 80 -2.89 18.64 -8.76
CA LYS C 80 -3.14 19.38 -10.02
C LYS C 80 -1.92 19.40 -10.89
N MET C 81 -0.76 19.54 -10.26
CA MET C 81 0.48 19.55 -10.99
C MET C 81 0.78 18.26 -11.58
N LEU C 82 0.44 17.20 -10.87
CA LEU C 82 0.75 15.87 -11.37
C LEU C 82 -0.10 15.62 -12.62
N PHE C 83 -1.37 15.99 -12.56
CA PHE C 83 -2.26 15.82 -13.72
C PHE C 83 -1.64 16.56 -14.95
N SER C 84 -1.34 17.83 -14.79
CA SER C 84 -0.74 18.60 -15.88
C SER C 84 0.51 17.99 -16.44
N GLU C 85 1.43 17.63 -15.56
CA GLU C 85 2.68 17.01 -16.01
C GLU C 85 2.41 15.73 -16.80
N LEU C 86 1.46 14.93 -16.34
CA LEU C 86 1.19 13.68 -17.05
C LEU C 86 0.56 13.96 -18.44
N GLU C 87 -0.43 14.83 -18.47
CA GLU C 87 -1.08 15.18 -19.73
C GLU C 87 -0.05 15.75 -20.75
N TYR C 88 0.47 16.96 -20.47
CA TYR C 88 1.43 17.62 -21.35
C TYR C 88 2.77 16.95 -21.47
N LYS C 89 3.13 16.09 -20.54
CA LYS C 89 4.44 15.50 -20.75
C LYS C 89 4.50 14.03 -21.06
N LEU C 90 3.35 13.35 -21.07
CA LEU C 90 3.35 11.93 -21.39
C LEU C 90 2.15 11.53 -22.23
N GLY C 91 1.25 12.48 -22.43
CA GLY C 91 0.08 12.19 -23.20
C GLY C 91 -0.95 11.39 -22.42
N ILE C 92 -0.77 11.28 -21.10
CA ILE C 92 -1.74 10.57 -20.30
C ILE C 92 -2.77 11.56 -19.88
N ARG C 93 -3.97 11.33 -20.38
CA ARG C 93 -5.12 12.19 -20.12
C ARG C 93 -5.57 12.05 -18.67
N ALA C 94 -5.87 13.18 -18.03
CA ALA C 94 -6.22 13.22 -16.64
C ALA C 94 -7.26 12.17 -16.37
N HIS C 95 -8.01 11.89 -17.43
CA HIS C 95 -9.08 10.94 -17.37
C HIS C 95 -8.61 9.58 -16.80
N ASP C 96 -7.48 9.14 -17.32
CA ASP C 96 -6.83 7.89 -17.00
C ASP C 96 -5.83 7.98 -15.79
N VAL C 97 -5.98 8.99 -14.94
CA VAL C 97 -5.02 9.17 -13.85
C VAL C 97 -5.72 9.21 -12.58
N GLU C 98 -5.25 8.38 -11.64
CA GLU C 98 -5.86 8.34 -10.35
C GLU C 98 -4.77 8.66 -9.32
N ILE C 99 -5.08 9.46 -8.30
CA ILE C 99 -4.01 9.79 -7.37
C ILE C 99 -4.46 9.80 -5.93
N THR C 100 -3.61 9.36 -5.01
CA THR C 100 -3.98 9.44 -3.59
C THR C 100 -2.82 9.80 -2.70
N ILE C 101 -3.06 10.76 -1.82
CA ILE C 101 -2.04 11.14 -0.91
C ILE C 101 -2.36 10.52 0.45
N LYS C 102 -1.44 9.70 0.93
CA LYS C 102 -1.62 9.12 2.25
C LYS C 102 -0.64 9.78 3.21
N GLU C 103 -1.17 10.22 4.33
CA GLU C 103 -0.35 10.86 5.33
C GLU C 103 -0.42 10.11 6.69
N GLN C 104 0.73 10.14 7.36
CA GLN C 104 0.89 9.47 8.63
C GLN C 104 1.63 10.44 9.50
N PRO C 105 1.33 10.44 10.80
CA PRO C 105 2.06 11.39 11.67
C PRO C 105 3.58 11.18 11.53
N ALA C 106 4.35 12.23 11.74
CA ALA C 106 5.81 12.15 11.73
C ALA C 106 6.32 11.03 12.63
N HIS C 107 5.66 10.83 13.76
CA HIS C 107 6.17 9.77 14.66
C HIS C 107 5.95 8.35 14.13
N CYS C 108 5.20 8.18 13.03
CA CYS C 108 5.00 6.86 12.44
C CYS C 108 6.00 6.66 11.32
N TRP C 109 6.85 7.67 11.11
CA TRP C 109 7.89 7.55 10.09
C TRP C 109 9.27 7.25 10.67
N GLY C 110 10.02 6.44 9.93
CA GLY C 110 11.36 6.13 10.36
C GLY C 110 12.30 6.26 9.17
N PHE C 111 13.32 7.10 9.30
CA PHE C 111 14.32 7.14 8.23
C PHE C 111 15.66 7.59 8.79
N ARG C 112 16.76 7.12 8.23
CA ARG C 112 18.08 7.53 8.73
C ARG C 112 18.27 7.36 10.23
N GLY C 113 17.78 6.23 10.73
CA GLY C 113 17.93 5.90 12.13
C GLY C 113 17.04 6.71 13.04
N MET C 114 16.16 7.53 12.51
CA MET C 114 15.30 8.31 13.40
C MET C 114 13.84 8.18 13.08
N THR C 115 13.01 8.65 14.02
CA THR C 115 11.61 8.74 13.79
C THR C 115 11.45 10.14 13.17
N GLY C 116 10.37 10.33 12.43
CA GLY C 116 10.15 11.59 11.75
C GLY C 116 9.91 12.77 12.62
N ASP C 117 9.29 12.59 13.76
CA ASP C 117 9.04 13.73 14.62
C ASP C 117 10.35 14.26 15.20
N GLU C 118 11.41 13.43 15.18
CA GLU C 118 12.69 13.89 15.70
C GLU C 118 13.68 14.37 14.63
N ALA C 119 13.29 14.29 13.37
CA ALA C 119 14.20 14.74 12.33
C ALA C 119 14.18 16.27 12.36
N ARG C 120 15.36 16.88 12.26
CA ARG C 120 15.53 18.34 12.31
C ARG C 120 16.36 18.93 11.17
#